data_5YKO
#
_entry.id   5YKO
#
_cell.length_a   68.639
_cell.length_b   100.113
_cell.length_c   109.405
_cell.angle_alpha   90.00
_cell.angle_beta   90.00
_cell.angle_gamma   90.00
#
_symmetry.space_group_name_H-M   'P 21 21 21'
#
loop_
_entity.id
_entity.type
_entity.pdbx_description
1 polymer 'Probable lysine-specific demethylase JMJ14'
2 polymer 'H3(1-10)K4me3 peptide'
3 non-polymer 'NICKEL (II) ION'
4 non-polymer 'ZINC ION'
5 non-polymer N-OXALYLGLYCINE
#
loop_
_entity_poly.entity_id
_entity_poly.type
_entity_poly.pdbx_seq_one_letter_code
_entity_poly.pdbx_strand_id
1 'polypeptide(L)'
;SSSPKITARWNPSEACRPLVDDAPIFYPTNEDFDDPLGYIEKLRSKAESYGICRIVPPVAWRPPCPLKEKKIWENSKFPT
RIQFIDLLQNREPIKKSTKTKKRKRRRISKIGYTRRKRDSGCDTASSGSSDSEGKFGFQTGPDFTLAAFQKYDEYFKECY
FQSEDHPGSKASENKKFKPKVKDLEGEYWRIVEQATDEVEVYYGADLETKKFGSGFPKYKPGYPISEADQYSQCGWNLNN
LSRLPGSVLAFESCDISGVIVPWLYVGMCFSTFCWHVEDHHLYSMNYLHTGDPKVWYGIPGNHAESFENVMKKRLPDLFE
EQPDLLHQLVTQLSPRILKEEGVPVYRAVQRSGEFILTFPKAYHSGFNCGFNCAEAVNVAPVDWLVHGQNAVEGYSKQRR
KSSLSHDKLLLGAAMEATYCLWELSLSKKKTPVIARWKRVCSEDGLLTKAVKKRVQMEEERLNHLQDGFSLRKMEGDFDN
KRERECFLCFYDLHMSASSCKCSPNRFACLIHAKDLCSCESKDRYILIRHTLDELWALVRALEGDLDAIDLWASKCRDQY
PSQH
;
A
2 'polypeptide(L)' ART(M3L)QTARKS P
#
# COMPACT_ATOMS: atom_id res chain seq x y z
N ARG A 9 26.05 -25.60 -8.50
CA ARG A 9 24.83 -25.09 -9.10
C ARG A 9 24.99 -23.63 -9.53
N TRP A 10 25.83 -22.91 -8.81
CA TRP A 10 26.18 -21.53 -9.13
C TRP A 10 27.01 -21.48 -10.41
N ASN A 11 26.74 -20.51 -11.28
CA ASN A 11 27.52 -20.32 -12.50
C ASN A 11 27.81 -18.84 -12.76
N PRO A 12 28.81 -18.29 -12.07
CA PRO A 12 29.14 -16.85 -12.15
C PRO A 12 29.62 -16.40 -13.52
N SER A 13 30.16 -17.31 -14.32
CA SER A 13 30.66 -16.97 -15.65
C SER A 13 29.51 -16.64 -16.61
N GLU A 14 28.29 -16.92 -16.17
CA GLU A 14 27.11 -16.64 -16.99
C GLU A 14 26.13 -15.73 -16.27
N ALA A 15 26.62 -15.04 -15.24
CA ALA A 15 25.79 -14.11 -14.47
C ALA A 15 25.17 -13.04 -15.35
N CYS A 16 23.96 -12.62 -15.00
CA CYS A 16 23.23 -11.62 -15.77
C CYS A 16 22.78 -10.46 -14.89
N ARG A 17 23.71 -9.91 -14.12
CA ARG A 17 23.41 -8.75 -13.28
C ARG A 17 23.01 -7.57 -14.15
N PRO A 18 21.78 -7.05 -13.93
CA PRO A 18 21.28 -5.90 -14.67
C PRO A 18 21.90 -4.60 -14.17
N LEU A 19 22.52 -3.85 -15.07
CA LEU A 19 23.16 -2.60 -14.68
C LEU A 19 22.12 -1.49 -14.62
N VAL A 20 21.67 -1.20 -13.41
CA VAL A 20 20.56 -0.29 -13.17
C VAL A 20 20.96 0.89 -12.29
N ASP A 21 20.50 2.09 -12.65
CA ASP A 21 20.73 3.28 -11.85
C ASP A 21 20.21 3.11 -10.42
N ASP A 22 20.91 3.70 -9.47
CA ASP A 22 20.53 3.58 -8.07
C ASP A 22 19.38 4.52 -7.71
N ALA A 23 18.47 4.04 -6.88
CA ALA A 23 17.47 4.90 -6.29
C ALA A 23 18.15 5.79 -5.26
N PRO A 24 17.63 7.01 -5.05
CA PRO A 24 18.27 7.93 -4.10
C PRO A 24 18.31 7.36 -2.68
N ILE A 25 19.34 7.71 -1.94
CA ILE A 25 19.50 7.24 -0.57
C ILE A 25 19.46 8.43 0.39
N PHE A 26 18.63 8.34 1.41
CA PHE A 26 18.47 9.45 2.34
C PHE A 26 19.01 9.15 3.73
N TYR A 27 19.54 10.17 4.38
CA TYR A 27 20.08 10.02 5.73
C TYR A 27 19.46 11.07 6.65
N PRO A 28 18.21 10.83 7.08
CA PRO A 28 17.49 11.76 7.95
C PRO A 28 18.22 12.08 9.24
N THR A 29 18.14 13.34 9.66
CA THR A 29 18.65 13.75 10.96
C THR A 29 17.62 13.32 12.01
N ASN A 30 17.99 13.43 13.27
CA ASN A 30 17.06 13.07 14.36
C ASN A 30 15.83 13.96 14.32
N GLU A 31 16.05 15.24 14.01
CA GLU A 31 14.97 16.20 13.82
C GLU A 31 14.00 15.71 12.76
N ASP A 32 14.53 15.46 11.56
CA ASP A 32 13.75 14.91 10.45
C ASP A 32 13.00 13.65 10.89
N PHE A 33 13.65 12.85 11.72
CA PHE A 33 13.09 11.57 12.11
C PHE A 33 11.98 11.72 13.15
N ASP A 34 11.94 12.86 13.83
CA ASP A 34 10.88 13.11 14.80
C ASP A 34 9.51 13.27 14.13
N ASP A 35 9.52 13.57 12.83
CA ASP A 35 8.29 13.81 12.08
C ASP A 35 8.25 13.00 10.78
N PRO A 36 7.83 11.72 10.88
CA PRO A 36 7.79 10.77 9.76
C PRO A 36 7.06 11.31 8.53
N LEU A 37 5.84 11.81 8.71
CA LEU A 37 5.04 12.28 7.58
C LEU A 37 5.65 13.52 6.94
N GLY A 38 6.13 14.43 7.77
CA GLY A 38 6.80 15.63 7.27
C GLY A 38 8.02 15.25 6.45
N TYR A 39 8.83 14.35 6.99
CA TYR A 39 10.02 13.90 6.29
C TYR A 39 9.69 13.23 4.97
N ILE A 40 8.66 12.39 4.98
CA ILE A 40 8.19 11.76 3.74
C ILE A 40 7.77 12.81 2.74
N GLU A 41 7.16 13.89 3.23
CA GLU A 41 6.73 14.99 2.37
C GLU A 41 7.92 15.69 1.72
N LYS A 42 8.97 15.97 2.50
CA LYS A 42 10.17 16.56 1.94
C LYS A 42 10.83 15.60 0.96
N LEU A 43 10.74 14.31 1.24
CA LEU A 43 11.28 13.28 0.36
C LEU A 43 10.56 13.25 -0.98
N ARG A 44 9.27 13.53 -0.94
CA ARG A 44 8.42 13.44 -2.13
C ARG A 44 9.03 14.16 -3.33
N SER A 45 9.30 15.44 -3.16
CA SER A 45 9.83 16.28 -4.24
C SER A 45 11.17 15.79 -4.77
N LYS A 46 11.89 15.02 -3.97
CA LYS A 46 13.24 14.59 -4.35
C LYS A 46 13.31 13.17 -4.91
N ALA A 47 12.33 12.34 -4.60
CA ALA A 47 12.44 10.92 -4.93
C ALA A 47 11.16 10.30 -5.51
N GLU A 48 10.10 11.09 -5.68
CA GLU A 48 8.87 10.55 -6.22
C GLU A 48 9.07 10.13 -7.68
N SER A 49 9.99 10.80 -8.37
CA SER A 49 10.28 10.50 -9.77
C SER A 49 11.13 9.24 -9.91
N TYR A 50 11.42 8.59 -8.78
CA TYR A 50 12.21 7.38 -8.79
C TYR A 50 11.37 6.17 -8.40
N GLY A 51 10.17 6.43 -7.88
CA GLY A 51 9.27 5.36 -7.49
C GLY A 51 9.55 4.81 -6.11
N ILE A 52 10.82 4.53 -5.84
CA ILE A 52 11.24 4.06 -4.53
C ILE A 52 12.46 4.84 -4.04
N CYS A 53 12.75 4.73 -2.75
CA CYS A 53 13.97 5.28 -2.20
C CYS A 53 14.39 4.53 -0.95
N ARG A 54 15.67 4.65 -0.60
CA ARG A 54 16.21 3.97 0.57
C ARG A 54 16.41 4.98 1.70
N ILE A 55 15.90 4.64 2.88
CA ILE A 55 15.98 5.53 4.02
C ILE A 55 16.77 4.93 5.17
N VAL A 56 17.94 5.48 5.44
CA VAL A 56 18.78 5.02 6.53
C VAL A 56 18.49 5.84 7.78
N PRO A 57 17.98 5.18 8.83
CA PRO A 57 17.66 5.84 10.09
C PRO A 57 18.89 6.48 10.71
N PRO A 58 18.70 7.53 11.53
CA PRO A 58 19.83 8.16 12.21
C PRO A 58 20.59 7.15 13.05
N VAL A 59 21.91 7.34 13.15
CA VAL A 59 22.79 6.42 13.88
C VAL A 59 22.23 6.06 15.25
N ALA A 60 22.34 4.78 15.60
CA ALA A 60 21.92 4.23 16.89
C ALA A 60 20.40 4.14 17.04
N TRP A 61 19.66 4.32 15.95
CA TRP A 61 18.23 4.04 15.97
C TRP A 61 18.02 2.60 15.52
N ARG A 62 18.00 1.69 16.48
CA ARG A 62 17.88 0.27 16.18
C ARG A 62 16.94 -0.39 17.18
N PRO A 63 15.63 -0.35 16.88
CA PRO A 63 14.65 -0.93 17.80
C PRO A 63 14.84 -2.43 17.95
N PRO A 64 14.75 -2.95 19.18
CA PRO A 64 14.88 -4.38 19.43
C PRO A 64 13.79 -5.17 18.73
N CYS A 65 14.13 -6.35 18.24
CA CYS A 65 13.15 -7.19 17.56
C CYS A 65 12.64 -8.29 18.49
N PRO A 66 11.36 -8.19 18.87
CA PRO A 66 10.70 -9.19 19.72
C PRO A 66 10.67 -10.58 19.09
N LEU A 67 10.83 -10.67 17.78
CA LEU A 67 10.80 -11.96 17.11
C LEU A 67 12.04 -12.79 17.48
N LYS A 68 13.05 -12.12 18.00
CA LYS A 68 14.30 -12.77 18.35
C LYS A 68 14.23 -13.48 19.70
N GLU A 69 13.15 -13.23 20.46
CA GLU A 69 12.84 -14.07 21.61
C GLU A 69 12.80 -15.52 21.11
N LYS A 70 13.63 -16.37 21.70
CA LYS A 70 13.68 -17.77 21.27
C LYS A 70 12.36 -18.47 21.56
N LYS A 71 11.52 -17.85 22.39
CA LYS A 71 10.16 -18.31 22.61
C LYS A 71 9.34 -18.19 21.32
N ILE A 72 9.74 -17.23 20.47
CA ILE A 72 9.09 -17.03 19.18
C ILE A 72 10.00 -17.51 18.05
N TRP A 73 11.29 -17.23 18.19
CA TRP A 73 12.29 -17.57 17.19
C TRP A 73 12.33 -19.06 16.87
N GLU A 74 12.13 -19.89 17.88
CA GLU A 74 12.28 -21.34 17.72
C GLU A 74 10.96 -22.11 17.80
N ASN A 75 9.87 -21.41 18.12
CA ASN A 75 8.60 -22.08 18.38
C ASN A 75 7.45 -21.59 17.51
N SER A 76 7.41 -20.30 17.22
CA SER A 76 6.32 -19.73 16.43
C SER A 76 6.38 -20.21 14.98
N LYS A 77 5.39 -21.01 14.61
CA LYS A 77 5.34 -21.63 13.29
C LYS A 77 4.65 -20.72 12.28
N PHE A 78 5.24 -20.61 11.09
CA PHE A 78 4.63 -19.82 10.01
C PHE A 78 4.66 -20.59 8.70
N PRO A 79 3.65 -20.38 7.85
CA PRO A 79 3.56 -21.06 6.55
C PRO A 79 4.48 -20.44 5.52
N THR A 80 4.87 -21.22 4.52
CA THR A 80 5.68 -20.72 3.41
C THR A 80 5.07 -21.16 2.11
N ARG A 81 5.47 -20.51 1.02
CA ARG A 81 5.01 -20.93 -0.30
C ARG A 81 6.23 -21.13 -1.19
N ILE A 82 6.10 -22.07 -2.14
CA ILE A 82 7.20 -22.50 -2.98
C ILE A 82 7.28 -21.68 -4.26
N GLN A 83 8.48 -21.15 -4.53
CA GLN A 83 8.74 -20.40 -5.74
C GLN A 83 9.77 -21.10 -6.61
N PHE A 84 9.40 -21.35 -7.87
CA PHE A 84 10.35 -21.85 -8.86
C PHE A 84 10.94 -20.67 -9.63
N ILE A 85 12.12 -20.23 -9.21
CA ILE A 85 12.74 -19.02 -9.75
C ILE A 85 12.91 -19.05 -11.27
N ASP A 86 13.22 -20.24 -11.80
CA ASP A 86 13.44 -20.39 -13.24
C ASP A 86 12.16 -20.24 -14.05
N LEU A 87 11.03 -20.19 -13.36
CA LEU A 87 9.73 -20.07 -14.03
C LEU A 87 9.14 -18.68 -13.95
N LEU A 88 9.76 -17.80 -13.16
CA LEU A 88 9.18 -16.49 -12.87
C LEU A 88 8.99 -15.60 -14.11
N GLN A 89 9.79 -15.82 -15.14
CA GLN A 89 9.70 -15.00 -16.35
C GLN A 89 9.28 -15.81 -17.58
N ASN A 90 9.94 -16.94 -17.80
CA ASN A 90 9.69 -17.75 -18.99
C ASN A 90 8.95 -19.04 -18.65
N ARG A 91 7.77 -19.20 -19.24
CA ARG A 91 6.93 -20.37 -18.99
C ARG A 91 5.75 -20.40 -19.96
N PHE A 136 -0.70 -20.59 -13.18
CA PHE A 136 0.57 -20.58 -12.47
C PHE A 136 0.49 -19.79 -11.17
N GLY A 137 1.02 -20.36 -10.10
CA GLY A 137 1.05 -19.72 -8.80
C GLY A 137 2.07 -20.38 -7.91
N PHE A 138 2.12 -19.98 -6.65
CA PHE A 138 3.04 -20.58 -5.69
C PHE A 138 2.29 -21.59 -4.82
N GLN A 139 2.84 -22.81 -4.74
CA GLN A 139 2.17 -23.91 -4.04
C GLN A 139 2.58 -24.00 -2.57
N THR A 140 1.73 -24.61 -1.76
CA THR A 140 1.97 -24.72 -0.32
C THR A 140 3.30 -25.38 0.02
N GLY A 141 4.14 -24.65 0.75
CA GLY A 141 5.40 -25.17 1.23
C GLY A 141 5.31 -25.63 2.67
N PRO A 142 6.38 -26.21 3.19
CA PRO A 142 6.39 -26.71 4.57
C PRO A 142 6.37 -25.58 5.59
N ASP A 143 5.90 -25.88 6.80
CA ASP A 143 5.92 -24.90 7.88
C ASP A 143 7.35 -24.68 8.37
N PHE A 144 7.62 -23.46 8.84
CA PHE A 144 8.94 -23.12 9.35
C PHE A 144 8.87 -22.29 10.63
N THR A 145 10.01 -22.23 11.32
CA THR A 145 10.23 -21.24 12.35
C THR A 145 11.33 -20.35 11.83
N LEU A 146 11.61 -19.24 12.53
CA LEU A 146 12.69 -18.36 12.10
C LEU A 146 14.03 -19.10 12.18
N ALA A 147 14.24 -19.81 13.29
CA ALA A 147 15.44 -20.62 13.48
C ALA A 147 15.61 -21.64 12.36
N ALA A 148 14.58 -22.46 12.18
CA ALA A 148 14.59 -23.50 11.16
C ALA A 148 14.88 -22.92 9.77
N PHE A 149 14.17 -21.85 9.43
CA PHE A 149 14.29 -21.25 8.11
C PHE A 149 15.68 -20.67 7.90
N GLN A 150 16.26 -20.08 8.94
CA GLN A 150 17.63 -19.58 8.84
C GLN A 150 18.60 -20.74 8.61
N LYS A 151 18.39 -21.84 9.33
CA LYS A 151 19.26 -23.01 9.17
C LYS A 151 19.17 -23.58 7.76
N TYR A 152 17.96 -23.65 7.21
CA TYR A 152 17.81 -24.15 5.85
C TYR A 152 18.39 -23.18 4.84
N ASP A 153 18.34 -21.89 5.13
CA ASP A 153 18.95 -20.91 4.24
C ASP A 153 20.47 -21.10 4.21
N GLU A 154 21.07 -21.26 5.38
CA GLU A 154 22.50 -21.53 5.48
C GLU A 154 22.86 -22.78 4.68
N TYR A 155 22.09 -23.84 4.91
CA TYR A 155 22.30 -25.10 4.17
C TYR A 155 22.20 -24.89 2.67
N PHE A 156 21.21 -24.11 2.26
CA PHE A 156 20.93 -23.88 0.84
C PHE A 156 22.07 -23.14 0.18
N LYS A 157 22.51 -22.05 0.80
CA LYS A 157 23.59 -21.25 0.23
C LYS A 157 24.89 -22.05 0.23
N GLU A 158 25.07 -22.91 1.22
CA GLU A 158 26.25 -23.75 1.26
C GLU A 158 26.24 -24.76 0.12
N CYS A 159 25.10 -25.36 -0.16
CA CYS A 159 25.01 -26.33 -1.25
C CYS A 159 25.10 -25.66 -2.63
N TYR A 160 24.47 -24.50 -2.75
CA TYR A 160 24.35 -23.82 -4.03
C TYR A 160 25.63 -23.10 -4.43
N PHE A 161 26.38 -22.60 -3.45
CA PHE A 161 27.56 -21.78 -3.74
C PHE A 161 28.88 -22.43 -3.33
N GLN A 162 28.85 -23.72 -2.98
CA GLN A 162 30.07 -24.42 -2.61
C GLN A 162 30.07 -25.85 -3.17
N PRO A 179 30.08 -14.68 -1.25
CA PRO A 179 28.82 -14.55 -2.00
C PRO A 179 28.17 -13.19 -1.75
N LYS A 180 28.70 -12.15 -2.38
CA LYS A 180 28.23 -10.79 -2.12
C LYS A 180 27.02 -10.43 -2.98
N VAL A 181 26.42 -9.28 -2.68
CA VAL A 181 25.12 -8.90 -3.25
C VAL A 181 25.07 -8.93 -4.78
N LYS A 182 26.11 -8.43 -5.43
CA LYS A 182 26.12 -8.40 -6.90
C LYS A 182 26.27 -9.80 -7.51
N ASP A 183 26.94 -10.70 -6.79
CA ASP A 183 27.05 -12.09 -7.21
C ASP A 183 25.69 -12.77 -7.15
N LEU A 184 25.02 -12.60 -6.01
CA LEU A 184 23.70 -13.15 -5.79
C LEU A 184 22.72 -12.58 -6.81
N GLU A 185 22.91 -11.32 -7.17
CA GLU A 185 22.06 -10.63 -8.13
C GLU A 185 22.23 -11.24 -9.51
N GLY A 186 23.49 -11.31 -9.95
CA GLY A 186 23.83 -11.88 -11.24
C GLY A 186 23.36 -13.31 -11.37
N GLU A 187 23.47 -14.07 -10.29
CA GLU A 187 23.05 -15.47 -10.30
C GLU A 187 21.53 -15.60 -10.32
N TYR A 188 20.86 -14.76 -9.54
CA TYR A 188 19.41 -14.73 -9.51
C TYR A 188 18.85 -14.48 -10.91
N TRP A 189 19.29 -13.40 -11.52
CA TRP A 189 18.80 -13.04 -12.85
C TRP A 189 19.30 -14.02 -13.89
N ARG A 190 20.41 -14.68 -13.57
CA ARG A 190 20.90 -15.79 -14.39
C ARG A 190 19.80 -16.84 -14.44
N ILE A 191 19.34 -17.27 -13.26
CA ILE A 191 18.26 -18.26 -13.15
C ILE A 191 16.95 -17.81 -13.82
N VAL A 192 16.59 -16.55 -13.64
CA VAL A 192 15.32 -16.06 -14.16
C VAL A 192 15.31 -15.98 -15.69
N GLU A 193 16.29 -15.28 -16.23
CA GLU A 193 16.41 -15.08 -17.66
C GLU A 193 16.77 -16.28 -18.47
N GLN A 194 17.66 -17.08 -17.95
CA GLN A 194 18.19 -18.23 -18.66
C GLN A 194 18.04 -19.32 -17.68
N ALA A 195 17.78 -20.54 -18.12
CA ALA A 195 17.30 -21.57 -17.20
C ALA A 195 17.99 -22.92 -17.20
N THR A 196 19.19 -22.98 -16.64
CA THR A 196 19.95 -24.22 -16.60
C THR A 196 19.28 -25.28 -15.78
N ASP A 197 18.83 -24.93 -14.59
CA ASP A 197 18.33 -25.93 -13.69
C ASP A 197 17.16 -25.37 -12.98
N GLU A 198 16.33 -26.23 -12.43
CA GLU A 198 15.23 -25.78 -11.66
C GLU A 198 15.77 -25.37 -10.32
N VAL A 199 15.40 -24.17 -9.88
CA VAL A 199 15.77 -23.68 -8.58
C VAL A 199 14.51 -23.42 -7.83
N GLU A 200 14.43 -24.01 -6.67
CA GLU A 200 13.21 -23.99 -5.86
C GLU A 200 13.49 -23.44 -4.46
N VAL A 201 12.81 -22.35 -4.12
CA VAL A 201 13.00 -21.75 -2.81
C VAL A 201 11.66 -21.52 -2.11
N TYR A 202 11.71 -21.13 -0.83
CA TYR A 202 10.51 -20.86 -0.07
C TYR A 202 10.43 -19.39 0.36
N TYR A 203 9.21 -18.85 0.46
CA TYR A 203 9.04 -17.52 1.04
C TYR A 203 7.90 -17.52 2.05
N GLY A 204 8.18 -16.98 3.24
CA GLY A 204 7.15 -16.78 4.23
C GLY A 204 6.64 -15.35 4.12
N ALA A 205 5.77 -15.13 3.14
CA ALA A 205 5.31 -13.78 2.82
C ALA A 205 3.91 -13.51 3.34
N ASP A 206 3.62 -12.23 3.53
CA ASP A 206 2.30 -11.77 3.92
C ASP A 206 1.80 -12.46 5.19
N LEU A 207 2.68 -12.54 6.17
CA LEU A 207 2.34 -13.12 7.47
C LEU A 207 1.74 -12.03 8.36
N GLU A 208 0.59 -12.32 8.96
CA GLU A 208 -0.08 -11.34 9.82
C GLU A 208 0.67 -11.18 11.14
N THR A 209 1.11 -9.97 11.43
CA THR A 209 1.85 -9.68 12.66
C THR A 209 0.94 -9.71 13.88
N LYS A 210 -0.37 -9.65 13.67
CA LYS A 210 -1.29 -9.76 14.80
C LYS A 210 -1.44 -11.22 15.18
N LYS A 211 -1.10 -12.10 14.25
CA LYS A 211 -1.08 -13.53 14.49
C LYS A 211 0.29 -13.96 15.02
N PHE A 212 1.34 -13.50 14.34
CA PHE A 212 2.70 -13.96 14.59
C PHE A 212 3.43 -13.11 15.62
N GLY A 213 3.14 -11.81 15.63
CA GLY A 213 3.88 -10.86 16.43
C GLY A 213 4.53 -9.84 15.49
N SER A 214 4.88 -8.68 16.02
CA SER A 214 5.54 -7.68 15.19
C SER A 214 7.04 -7.66 15.45
N GLY A 215 7.80 -7.19 14.46
CA GLY A 215 9.24 -7.06 14.61
C GLY A 215 9.59 -5.85 15.45
N PHE A 216 8.58 -5.04 15.77
CA PHE A 216 8.77 -3.87 16.62
C PHE A 216 8.23 -4.14 18.03
N PRO A 217 8.78 -3.44 19.03
CA PRO A 217 8.31 -3.62 20.41
C PRO A 217 6.96 -2.97 20.66
N LYS A 218 6.30 -3.40 21.73
CA LYS A 218 5.04 -2.79 22.15
C LYS A 218 5.17 -2.35 23.60
N TYR A 219 4.24 -1.51 24.06
CA TYR A 219 4.35 -1.00 25.42
C TYR A 219 3.86 -2.01 26.45
N LYS A 220 4.65 -2.18 27.49
CA LYS A 220 4.33 -3.05 28.61
C LYS A 220 4.30 -2.21 29.90
N PRO A 221 3.09 -1.93 30.40
CA PRO A 221 2.86 -0.91 31.44
C PRO A 221 3.57 -1.18 32.78
N GLY A 222 3.57 -2.42 33.25
CA GLY A 222 4.07 -2.70 34.59
C GLY A 222 5.57 -2.86 34.73
N TYR A 223 6.29 -2.71 33.63
CA TYR A 223 7.74 -2.96 33.63
C TYR A 223 8.56 -1.66 33.56
N PRO A 224 9.78 -1.68 34.11
CA PRO A 224 10.71 -0.54 34.14
C PRO A 224 10.83 0.19 32.80
N ILE A 225 11.11 1.49 32.86
CA ILE A 225 11.27 2.29 31.66
C ILE A 225 12.48 1.82 30.85
N SER A 226 12.30 1.73 29.53
CA SER A 226 13.34 1.23 28.64
C SER A 226 13.31 1.98 27.31
N GLU A 227 14.38 1.86 26.54
CA GLU A 227 14.41 2.47 25.21
C GLU A 227 13.39 1.78 24.32
N ALA A 228 13.11 0.51 24.63
CA ALA A 228 12.14 -0.29 23.92
C ALA A 228 10.78 0.40 23.88
N ASP A 229 10.37 0.97 25.02
CA ASP A 229 9.11 1.70 25.11
C ASP A 229 9.11 2.89 24.16
N GLN A 230 10.24 3.61 24.14
CA GLN A 230 10.38 4.77 23.28
C GLN A 230 10.25 4.36 21.82
N TYR A 231 10.82 3.22 21.47
CA TYR A 231 10.67 2.67 20.12
C TYR A 231 9.21 2.32 19.85
N SER A 232 8.54 1.78 20.86
CA SER A 232 7.16 1.35 20.73
C SER A 232 6.25 2.52 20.43
N GLN A 233 6.61 3.70 20.95
CA GLN A 233 5.77 4.87 20.69
C GLN A 233 6.32 5.74 19.55
N CYS A 234 7.48 5.38 19.01
CA CYS A 234 8.08 6.11 17.90
C CYS A 234 7.21 6.02 16.64
N GLY A 235 7.21 7.08 15.85
CA GLY A 235 6.39 7.15 14.65
C GLY A 235 6.83 6.21 13.54
N TRP A 236 8.12 5.90 13.49
CA TRP A 236 8.64 5.04 12.42
C TRP A 236 8.45 3.56 12.76
N ASN A 237 7.99 3.29 13.98
CA ASN A 237 7.46 1.98 14.31
C ASN A 237 6.25 1.73 13.42
N LEU A 238 6.33 0.71 12.57
CA LEU A 238 5.32 0.51 11.55
C LEU A 238 3.93 0.16 12.09
N ASN A 239 3.86 -0.12 13.39
CA ASN A 239 2.57 -0.31 14.04
C ASN A 239 1.88 1.04 14.28
N ASN A 240 2.64 2.12 14.16
CA ASN A 240 2.15 3.46 14.48
C ASN A 240 2.06 4.38 13.27
N LEU A 241 2.70 3.98 12.18
CA LEU A 241 2.82 4.85 11.02
C LEU A 241 1.50 5.09 10.30
N SER A 242 0.72 4.03 10.12
CA SER A 242 -0.51 4.08 9.33
C SER A 242 -1.50 5.13 9.83
N ARG A 243 -1.59 5.29 11.15
CA ARG A 243 -2.61 6.18 11.71
C ARG A 243 -2.06 7.48 12.31
N LEU A 244 -0.82 7.83 11.98
CA LEU A 244 -0.28 9.13 12.37
C LEU A 244 -1.17 10.23 11.80
N PRO A 245 -1.34 11.33 12.54
CA PRO A 245 -2.08 12.48 12.01
C PRO A 245 -1.40 13.03 10.76
N GLY A 246 -2.11 12.98 9.64
CA GLY A 246 -1.56 13.38 8.36
C GLY A 246 -1.74 12.24 7.39
N SER A 247 -1.95 11.05 7.95
CA SER A 247 -2.24 9.86 7.16
C SER A 247 -3.74 9.55 7.26
N VAL A 248 -4.42 9.57 6.12
CA VAL A 248 -5.86 9.42 6.09
C VAL A 248 -6.32 8.02 6.51
N LEU A 249 -5.39 7.07 6.54
CA LEU A 249 -5.70 5.72 7.00
C LEU A 249 -6.16 5.73 8.45
N ALA A 250 -5.87 6.83 9.15
CA ALA A 250 -6.31 7.01 10.52
C ALA A 250 -7.84 6.97 10.61
N PHE A 251 -8.51 7.29 9.51
CA PHE A 251 -9.97 7.41 9.53
C PHE A 251 -10.65 6.10 9.19
N GLU A 252 -9.86 5.05 9.03
CA GLU A 252 -10.41 3.72 8.88
C GLU A 252 -10.39 3.00 10.23
N SER A 253 -11.57 2.72 10.76
CA SER A 253 -11.70 2.15 12.10
C SER A 253 -11.19 0.72 12.17
N CYS A 254 -11.43 -0.05 11.12
CA CYS A 254 -10.99 -1.44 11.09
C CYS A 254 -9.48 -1.54 10.97
N ASP A 255 -8.88 -2.45 11.73
CA ASP A 255 -7.45 -2.70 11.63
C ASP A 255 -7.15 -3.59 10.44
N ILE A 256 -7.31 -3.03 9.25
CA ILE A 256 -7.10 -3.76 8.00
C ILE A 256 -5.71 -4.41 7.97
N SER A 257 -5.68 -5.71 7.74
CA SER A 257 -4.44 -6.46 7.68
C SER A 257 -3.62 -6.05 6.46
N GLY A 258 -2.34 -5.78 6.67
CA GLY A 258 -1.44 -5.42 5.60
C GLY A 258 -1.45 -3.94 5.28
N VAL A 259 -2.64 -3.36 5.18
CA VAL A 259 -2.77 -1.95 4.86
C VAL A 259 -2.49 -1.08 6.08
N ILE A 260 -3.02 -1.49 7.23
CA ILE A 260 -2.87 -0.70 8.45
C ILE A 260 -2.05 -1.45 9.50
N VAL A 261 -2.35 -2.73 9.69
CA VAL A 261 -1.53 -3.57 10.54
C VAL A 261 -0.43 -4.20 9.69
N PRO A 262 0.83 -3.97 10.08
CA PRO A 262 2.01 -4.40 9.30
C PRO A 262 2.04 -5.90 9.02
N TRP A 263 2.60 -6.25 7.86
CA TRP A 263 2.78 -7.64 7.50
C TRP A 263 4.26 -8.03 7.54
N LEU A 264 4.51 -9.31 7.73
CA LEU A 264 5.86 -9.82 7.91
C LEU A 264 6.32 -10.61 6.70
N TYR A 265 7.60 -10.46 6.35
CA TYR A 265 8.17 -11.17 5.21
C TYR A 265 9.47 -11.88 5.61
N VAL A 266 9.36 -13.17 5.90
CA VAL A 266 10.55 -13.96 6.24
C VAL A 266 11.15 -14.58 4.98
N GLY A 267 12.41 -14.28 4.72
CA GLY A 267 13.03 -14.69 3.47
C GLY A 267 14.23 -15.61 3.55
N MET A 268 14.47 -16.30 2.44
CA MET A 268 15.70 -17.04 2.23
C MET A 268 16.32 -16.56 0.93
N CYS A 269 17.41 -17.20 0.52
CA CYS A 269 18.09 -16.84 -0.72
C CYS A 269 17.13 -16.94 -1.90
N PHE A 270 17.18 -15.93 -2.78
CA PHE A 270 16.41 -15.89 -4.03
C PHE A 270 14.89 -15.72 -3.85
N SER A 271 14.46 -15.57 -2.60
CA SER A 271 13.04 -15.34 -2.31
C SER A 271 12.51 -14.08 -2.99
N THR A 272 11.54 -14.24 -3.88
CA THR A 272 11.08 -13.14 -4.71
C THR A 272 9.73 -12.55 -4.29
N PHE A 273 9.61 -11.23 -4.42
CA PHE A 273 8.31 -10.58 -4.51
C PHE A 273 8.20 -9.95 -5.89
N CYS A 274 7.39 -10.55 -6.75
CA CYS A 274 7.29 -10.15 -8.14
C CYS A 274 6.70 -8.75 -8.33
N TRP A 275 6.82 -8.23 -9.54
CA TRP A 275 6.32 -6.91 -9.90
C TRP A 275 4.88 -6.69 -9.46
N HIS A 276 4.67 -5.62 -8.71
CA HIS A 276 3.34 -5.27 -8.24
C HIS A 276 3.30 -3.83 -7.77
N VAL A 277 2.08 -3.35 -7.53
CA VAL A 277 1.85 -2.01 -7.04
C VAL A 277 0.91 -2.11 -5.84
N GLU A 278 1.15 -1.29 -4.82
CA GLU A 278 0.35 -1.32 -3.59
C GLU A 278 -1.13 -1.16 -3.87
N ASP A 279 -1.96 -1.75 -3.02
CA ASP A 279 -3.41 -1.59 -3.14
C ASP A 279 -3.79 -0.13 -2.99
N HIS A 280 -4.69 0.32 -3.86
CA HIS A 280 -5.14 1.71 -3.88
C HIS A 280 -3.98 2.68 -4.10
N HIS A 281 -2.89 2.18 -4.69
CA HIS A 281 -1.71 2.98 -4.99
C HIS A 281 -1.15 3.70 -3.76
N LEU A 282 -1.23 3.04 -2.61
CA LEU A 282 -0.77 3.62 -1.35
C LEU A 282 0.75 3.75 -1.29
N TYR A 283 1.24 4.48 -0.28
CA TYR A 283 2.67 4.47 -0.01
C TYR A 283 3.01 3.17 0.72
N SER A 284 4.20 2.64 0.47
CA SER A 284 4.63 1.45 1.20
C SER A 284 5.91 1.70 1.98
N MET A 285 5.89 1.41 3.27
CA MET A 285 7.11 1.51 4.07
C MET A 285 7.55 0.11 4.50
N ASN A 286 8.80 -0.23 4.19
CA ASN A 286 9.34 -1.55 4.50
C ASN A 286 10.60 -1.47 5.35
N TYR A 287 10.53 -2.00 6.56
CA TYR A 287 11.70 -2.03 7.43
C TYR A 287 12.31 -3.42 7.44
N LEU A 288 13.62 -3.48 7.18
CA LEU A 288 14.30 -4.77 7.27
C LEU A 288 14.83 -4.95 8.69
N HIS A 289 14.24 -5.88 9.43
CA HIS A 289 14.58 -6.07 10.84
C HIS A 289 15.94 -6.73 11.02
N THR A 290 16.12 -7.88 10.41
CA THR A 290 17.36 -8.63 10.57
C THR A 290 17.60 -9.56 9.40
N GLY A 291 18.87 -9.90 9.18
CA GLY A 291 19.21 -10.85 8.14
C GLY A 291 19.91 -10.24 6.95
N ASP A 292 19.95 -10.99 5.86
CA ASP A 292 20.67 -10.60 4.64
C ASP A 292 19.91 -9.51 3.87
N PRO A 293 20.64 -8.78 2.99
CA PRO A 293 20.03 -7.68 2.24
C PRO A 293 18.84 -8.09 1.39
N LYS A 294 17.95 -7.14 1.15
CA LYS A 294 16.86 -7.29 0.21
C LYS A 294 17.10 -6.34 -0.97
N VAL A 295 17.18 -6.90 -2.16
CA VAL A 295 17.39 -6.10 -3.36
C VAL A 295 16.05 -5.68 -3.95
N TRP A 296 15.93 -4.38 -4.24
CA TRP A 296 14.73 -3.78 -4.79
C TRP A 296 14.97 -3.18 -6.18
N TYR A 297 13.96 -3.31 -7.04
CA TYR A 297 13.91 -2.58 -8.30
C TYR A 297 12.58 -1.84 -8.37
N GLY A 298 12.63 -0.53 -8.59
CA GLY A 298 11.43 0.28 -8.60
C GLY A 298 11.22 1.08 -9.87
N ILE A 299 9.96 1.24 -10.25
CA ILE A 299 9.56 2.05 -11.40
C ILE A 299 8.82 3.29 -10.90
N PRO A 300 9.10 4.46 -11.50
CA PRO A 300 8.35 5.66 -11.16
C PRO A 300 6.87 5.51 -11.47
N GLY A 301 6.01 6.06 -10.63
CA GLY A 301 4.57 5.97 -10.82
C GLY A 301 4.11 6.53 -12.14
N ASN A 302 4.72 7.63 -12.57
CA ASN A 302 4.32 8.28 -13.81
C ASN A 302 4.73 7.48 -15.05
N HIS A 303 5.36 6.34 -14.84
CA HIS A 303 5.69 5.43 -15.94
C HIS A 303 5.00 4.09 -15.79
N ALA A 304 4.12 3.99 -14.80
CA ALA A 304 3.38 2.76 -14.51
C ALA A 304 2.83 2.13 -15.78
N GLU A 305 1.96 2.86 -16.47
CA GLU A 305 1.37 2.39 -17.71
C GLU A 305 2.42 1.83 -18.67
N SER A 306 3.49 2.59 -18.88
CA SER A 306 4.55 2.19 -19.78
C SER A 306 5.02 0.79 -19.41
N PHE A 307 5.37 0.63 -18.13
CA PHE A 307 5.78 -0.66 -17.59
C PHE A 307 4.79 -1.73 -18.01
N GLU A 308 3.52 -1.51 -17.70
CA GLU A 308 2.46 -2.47 -18.02
C GLU A 308 2.51 -2.84 -19.48
N ASN A 309 2.58 -1.83 -20.35
CA ASN A 309 2.58 -2.08 -21.79
C ASN A 309 3.71 -3.02 -22.15
N VAL A 310 4.90 -2.73 -21.60
CA VAL A 310 6.09 -3.53 -21.90
C VAL A 310 5.83 -4.99 -21.53
N MET A 311 5.20 -5.21 -20.37
CA MET A 311 4.86 -6.56 -19.95
C MET A 311 4.03 -7.22 -21.04
N LYS A 312 2.94 -6.56 -21.44
CA LYS A 312 2.05 -7.08 -22.47
C LYS A 312 2.83 -7.38 -23.74
N LYS A 313 3.87 -6.60 -23.98
CA LYS A 313 4.66 -6.73 -25.20
C LYS A 313 5.65 -7.88 -25.11
N ARG A 314 6.18 -8.12 -23.91
CA ARG A 314 7.30 -9.04 -23.77
C ARG A 314 6.89 -10.41 -23.21
N LEU A 315 5.66 -10.49 -22.71
CA LEU A 315 5.09 -11.77 -22.29
C LEU A 315 3.70 -11.95 -22.88
N PRO A 316 3.60 -12.05 -24.21
CA PRO A 316 2.30 -12.07 -24.89
C PRO A 316 1.44 -13.27 -24.51
N ASP A 317 2.02 -14.46 -24.54
CA ASP A 317 1.26 -15.68 -24.29
C ASP A 317 0.77 -15.78 -22.84
N LEU A 318 1.59 -15.30 -21.92
CA LEU A 318 1.22 -15.31 -20.50
C LEU A 318 0.06 -14.36 -20.22
N PHE A 319 -0.06 -13.33 -21.05
CA PHE A 319 -1.16 -12.37 -20.93
C PHE A 319 -2.36 -12.78 -21.77
N GLU A 320 -2.14 -13.66 -22.73
CA GLU A 320 -3.24 -14.26 -23.50
C GLU A 320 -3.93 -15.26 -22.58
N GLU A 321 -3.12 -15.94 -21.75
CA GLU A 321 -3.61 -16.92 -20.81
C GLU A 321 -4.25 -16.24 -19.61
N GLN A 322 -3.55 -15.24 -19.08
CA GLN A 322 -4.03 -14.50 -17.92
C GLN A 322 -3.95 -13.00 -18.18
N PRO A 323 -5.05 -12.41 -18.68
CA PRO A 323 -5.10 -10.97 -18.89
C PRO A 323 -5.00 -10.19 -17.58
N ASP A 324 -5.30 -10.85 -16.47
CA ASP A 324 -5.25 -10.24 -15.15
C ASP A 324 -3.96 -10.64 -14.42
N LEU A 325 -2.90 -10.87 -15.20
CA LEU A 325 -1.66 -11.42 -14.66
C LEU A 325 -0.95 -10.48 -13.69
N LEU A 326 -0.96 -9.18 -13.99
CA LEU A 326 -0.26 -8.19 -13.19
C LEU A 326 -0.68 -8.17 -11.73
N HIS A 327 -1.99 -8.36 -11.49
CA HIS A 327 -2.52 -8.33 -10.13
C HIS A 327 -2.33 -9.67 -9.42
N GLN A 328 -1.67 -10.61 -10.08
CA GLN A 328 -1.51 -11.95 -9.51
C GLN A 328 -0.16 -12.15 -8.81
N LEU A 329 0.76 -11.21 -9.00
CA LEU A 329 2.04 -11.19 -8.30
C LEU A 329 2.85 -12.49 -8.44
N VAL A 330 2.87 -13.05 -9.63
CA VAL A 330 3.61 -14.29 -9.86
C VAL A 330 4.53 -14.16 -11.07
N THR A 331 4.60 -12.96 -11.64
CA THR A 331 5.38 -12.75 -12.84
C THR A 331 6.51 -11.76 -12.62
N GLN A 332 7.71 -12.15 -13.05
CA GLN A 332 8.88 -11.31 -12.93
C GLN A 332 9.44 -10.98 -14.30
N LEU A 333 9.86 -9.74 -14.49
CA LEU A 333 10.52 -9.33 -15.73
C LEU A 333 11.80 -8.57 -15.40
N SER A 334 12.88 -8.88 -16.11
CA SER A 334 14.17 -8.30 -15.81
C SER A 334 14.26 -6.80 -16.12
N PRO A 335 14.94 -6.04 -15.25
CA PRO A 335 15.17 -4.61 -15.43
C PRO A 335 15.96 -4.32 -16.70
N ARG A 336 16.74 -5.29 -17.17
CA ARG A 336 17.48 -5.15 -18.42
C ARG A 336 16.53 -4.94 -19.59
N ILE A 337 15.60 -5.87 -19.74
CA ILE A 337 14.56 -5.80 -20.77
C ILE A 337 13.77 -4.51 -20.66
N LEU A 338 13.46 -4.12 -19.42
CA LEU A 338 12.71 -2.90 -19.17
C LEU A 338 13.49 -1.67 -19.64
N LYS A 339 14.80 -1.65 -19.41
CA LYS A 339 15.63 -0.54 -19.85
C LYS A 339 15.70 -0.51 -21.37
N GLU A 340 15.78 -1.69 -21.98
CA GLU A 340 15.80 -1.78 -23.43
C GLU A 340 14.44 -1.45 -24.05
N GLU A 341 13.42 -1.36 -23.21
CA GLU A 341 12.09 -0.98 -23.68
C GLU A 341 11.76 0.46 -23.26
N GLY A 342 12.74 1.14 -22.68
CA GLY A 342 12.61 2.55 -22.37
C GLY A 342 11.97 2.86 -21.03
N VAL A 343 11.72 1.83 -20.23
CA VAL A 343 11.15 2.05 -18.90
C VAL A 343 12.25 2.29 -17.86
N PRO A 344 12.21 3.45 -17.19
CA PRO A 344 13.19 3.79 -16.17
C PRO A 344 13.05 2.89 -14.94
N VAL A 345 14.13 2.19 -14.61
CA VAL A 345 14.16 1.34 -13.42
C VAL A 345 15.26 1.79 -12.47
N TYR A 346 15.00 1.73 -11.18
CA TYR A 346 16.00 2.17 -10.20
C TYR A 346 16.23 1.13 -9.12
N ARG A 347 17.51 0.88 -8.84
CA ARG A 347 17.92 -0.19 -7.93
C ARG A 347 18.13 0.34 -6.52
N ALA A 348 17.85 -0.52 -5.53
CA ALA A 348 18.12 -0.16 -4.14
C ALA A 348 18.50 -1.41 -3.35
N VAL A 349 19.46 -1.29 -2.45
CA VAL A 349 19.85 -2.41 -1.63
C VAL A 349 19.52 -2.14 -0.17
N GLN A 350 18.43 -2.74 0.29
CA GLN A 350 18.00 -2.57 1.67
C GLN A 350 18.79 -3.49 2.59
N ARG A 351 19.56 -2.93 3.50
CA ARG A 351 20.29 -3.75 4.45
C ARG A 351 19.58 -3.73 5.80
N SER A 352 19.98 -4.63 6.69
CA SER A 352 19.36 -4.74 8.00
C SER A 352 19.38 -3.41 8.75
N GLY A 353 18.22 -3.01 9.29
CA GLY A 353 18.11 -1.79 10.05
C GLY A 353 17.70 -0.60 9.19
N GLU A 354 17.36 -0.86 7.94
CA GLU A 354 17.02 0.22 7.01
C GLU A 354 15.59 0.17 6.49
N PHE A 355 15.13 1.31 5.98
CA PHE A 355 13.80 1.45 5.39
C PHE A 355 13.86 1.51 3.87
N ILE A 356 12.78 1.07 3.24
CA ILE A 356 12.55 1.28 1.82
C ILE A 356 11.17 1.88 1.64
N LEU A 357 11.10 3.03 0.99
CA LEU A 357 9.83 3.70 0.77
C LEU A 357 9.41 3.61 -0.70
N THR A 358 8.19 3.12 -0.91
CA THR A 358 7.57 3.00 -2.22
C THR A 358 6.50 4.08 -2.37
N PHE A 359 6.60 4.83 -3.46
CA PHE A 359 5.64 5.91 -3.74
C PHE A 359 4.39 5.39 -4.43
N PRO A 360 3.32 6.20 -4.46
CA PRO A 360 2.06 5.79 -5.10
C PRO A 360 2.20 5.32 -6.54
N LYS A 361 1.60 4.16 -6.84
CA LYS A 361 1.57 3.58 -8.18
C LYS A 361 2.97 3.29 -8.71
N ALA A 362 3.93 3.18 -7.79
CA ALA A 362 5.29 2.83 -8.17
C ALA A 362 5.46 1.32 -8.19
N TYR A 363 5.52 0.74 -9.38
CA TYR A 363 5.76 -0.69 -9.52
C TYR A 363 7.12 -1.04 -8.97
N HIS A 364 7.16 -2.07 -8.14
CA HIS A 364 8.43 -2.50 -7.55
C HIS A 364 8.47 -4.02 -7.43
N SER A 365 9.69 -4.54 -7.40
CA SER A 365 9.93 -5.97 -7.25
C SER A 365 11.27 -6.17 -6.57
N GLY A 366 11.67 -7.42 -6.39
CA GLY A 366 12.96 -7.68 -5.81
C GLY A 366 13.04 -9.01 -5.11
N PHE A 367 14.22 -9.28 -4.54
CA PHE A 367 14.47 -10.60 -3.95
C PHE A 367 15.32 -10.50 -2.70
N ASN A 368 15.53 -11.64 -2.05
CA ASN A 368 16.34 -11.66 -0.84
C ASN A 368 17.69 -12.34 -1.05
N CYS A 369 18.73 -11.72 -0.49
CA CYS A 369 20.09 -12.23 -0.65
C CYS A 369 20.37 -13.41 0.26
N GLY A 370 19.41 -13.71 1.14
CA GLY A 370 19.55 -14.81 2.07
C GLY A 370 18.46 -14.72 3.11
N PHE A 371 18.67 -15.37 4.25
CA PHE A 371 17.69 -15.32 5.32
C PHE A 371 17.50 -13.89 5.82
N ASN A 372 16.25 -13.45 5.88
CA ASN A 372 15.95 -12.15 6.51
C ASN A 372 14.52 -12.07 7.03
N CYS A 373 14.19 -10.95 7.64
CA CYS A 373 12.83 -10.73 8.12
C CYS A 373 12.48 -9.27 7.97
N ALA A 374 11.46 -8.99 7.15
CA ALA A 374 11.04 -7.63 6.89
C ALA A 374 9.65 -7.38 7.41
N GLU A 375 9.27 -6.11 7.50
CA GLU A 375 7.94 -5.74 7.93
C GLU A 375 7.47 -4.57 7.10
N ALA A 376 6.35 -4.72 6.41
CA ALA A 376 5.87 -3.65 5.55
C ALA A 376 4.49 -3.16 5.99
N VAL A 377 4.18 -1.92 5.66
CA VAL A 377 2.85 -1.37 5.96
C VAL A 377 2.56 -0.20 5.02
N ASN A 378 1.28 0.04 4.77
CA ASN A 378 0.87 1.14 3.90
C ASN A 378 0.71 2.43 4.68
N VAL A 379 0.92 3.55 4.00
CA VAL A 379 0.66 4.86 4.60
C VAL A 379 0.11 5.80 3.51
N ALA A 380 -0.67 6.78 3.93
CA ALA A 380 -1.42 7.61 3.00
C ALA A 380 -1.48 9.08 3.39
N PRO A 381 -0.42 9.84 3.10
CA PRO A 381 -0.47 11.30 3.30
C PRO A 381 -1.45 11.94 2.33
N VAL A 382 -1.85 13.19 2.62
CA VAL A 382 -2.86 13.90 1.85
C VAL A 382 -2.57 13.90 0.34
N ASP A 383 -1.30 14.03 -0.02
CA ASP A 383 -0.91 14.04 -1.42
C ASP A 383 -1.26 12.75 -2.16
N TRP A 384 -1.48 11.66 -1.41
CA TRP A 384 -1.89 10.39 -2.00
C TRP A 384 -3.33 10.42 -2.50
N LEU A 385 -4.12 11.34 -1.94
CA LEU A 385 -5.56 11.37 -2.17
C LEU A 385 -5.99 11.43 -3.64
N VAL A 386 -5.15 11.99 -4.49
CA VAL A 386 -5.48 12.10 -5.91
C VAL A 386 -5.25 10.75 -6.61
N HIS A 387 -4.23 10.03 -6.18
CA HIS A 387 -3.92 8.72 -6.73
C HIS A 387 -4.92 7.69 -6.24
N GLY A 388 -5.14 7.68 -4.93
CA GLY A 388 -6.12 6.79 -4.31
C GLY A 388 -7.47 6.91 -4.96
N GLN A 389 -7.78 8.12 -5.43
CA GLN A 389 -8.96 8.36 -6.24
C GLN A 389 -8.89 7.56 -7.53
N ASN A 390 -7.93 7.91 -8.39
CA ASN A 390 -7.74 7.23 -9.66
C ASN A 390 -7.87 5.72 -9.53
N ALA A 391 -7.11 5.17 -8.57
CA ALA A 391 -7.13 3.76 -8.25
C ALA A 391 -8.55 3.20 -8.19
N VAL A 392 -9.37 3.72 -7.28
CA VAL A 392 -10.69 3.13 -7.10
C VAL A 392 -11.50 3.29 -8.38
N GLU A 393 -11.34 4.42 -9.05
CA GLU A 393 -12.03 4.65 -10.31
C GLU A 393 -11.58 3.59 -11.29
N GLY A 394 -10.26 3.40 -11.37
CA GLY A 394 -9.69 2.37 -12.20
C GLY A 394 -10.26 1.02 -11.83
N TYR A 395 -10.37 0.76 -10.53
CA TYR A 395 -10.89 -0.51 -10.06
C TYR A 395 -12.31 -0.71 -10.58
N SER A 396 -13.09 0.38 -10.56
CA SER A 396 -14.45 0.33 -11.07
C SER A 396 -14.46 -0.11 -12.53
N LYS A 397 -13.51 0.41 -13.31
CA LYS A 397 -13.46 0.08 -14.72
C LYS A 397 -12.92 -1.34 -14.92
N GLN A 398 -12.14 -1.80 -13.95
CA GLN A 398 -11.60 -3.16 -14.02
C GLN A 398 -12.62 -4.11 -13.42
N ARG A 399 -13.62 -3.54 -12.76
CA ARG A 399 -14.63 -4.30 -12.03
C ARG A 399 -13.94 -5.26 -11.06
N ARG A 400 -12.90 -4.74 -10.43
CA ARG A 400 -12.15 -5.44 -9.41
C ARG A 400 -12.53 -4.90 -8.04
N LYS A 401 -12.57 -5.79 -7.05
CA LYS A 401 -12.96 -5.45 -5.69
C LYS A 401 -11.84 -4.65 -4.99
N SER A 402 -12.23 -3.72 -4.13
CA SER A 402 -11.26 -2.87 -3.43
C SER A 402 -10.86 -3.45 -2.08
N SER A 403 -9.91 -2.79 -1.43
CA SER A 403 -9.41 -3.23 -0.13
C SER A 403 -9.86 -2.28 0.98
N LEU A 404 -10.29 -1.08 0.59
CA LEU A 404 -10.72 -0.08 1.56
C LEU A 404 -11.78 0.84 0.98
N SER A 405 -12.36 1.66 1.84
CA SER A 405 -13.35 2.64 1.42
C SER A 405 -12.71 4.02 1.26
N HIS A 406 -12.49 4.42 0.02
CA HIS A 406 -11.78 5.66 -0.29
C HIS A 406 -12.52 6.90 0.20
N ASP A 407 -13.81 6.96 -0.12
CA ASP A 407 -14.62 8.12 0.23
C ASP A 407 -14.70 8.30 1.75
N LYS A 408 -14.60 7.19 2.47
CA LYS A 408 -14.56 7.24 3.93
C LYS A 408 -13.33 8.00 4.40
N LEU A 409 -12.20 7.72 3.75
CA LEU A 409 -10.93 8.35 4.12
C LEU A 409 -10.89 9.81 3.73
N LEU A 410 -11.37 10.11 2.51
CA LEU A 410 -11.44 11.49 2.04
C LEU A 410 -12.33 12.33 2.92
N LEU A 411 -13.56 11.87 3.12
CA LEU A 411 -14.52 12.59 3.96
C LEU A 411 -14.00 12.73 5.39
N GLY A 412 -13.39 11.67 5.92
CA GLY A 412 -12.82 11.73 7.25
C GLY A 412 -11.77 12.81 7.37
N ALA A 413 -10.86 12.84 6.39
CA ALA A 413 -9.81 13.85 6.34
C ALA A 413 -10.42 15.26 6.32
N ALA A 414 -11.39 15.45 5.44
CA ALA A 414 -12.06 16.75 5.31
C ALA A 414 -12.72 17.17 6.62
N MET A 415 -13.29 16.20 7.33
CA MET A 415 -13.96 16.47 8.59
C MET A 415 -12.99 16.86 9.68
N GLU A 416 -11.84 16.19 9.73
CA GLU A 416 -10.81 16.53 10.71
C GLU A 416 -10.26 17.93 10.45
N ALA A 417 -9.95 18.21 9.19
CA ALA A 417 -9.46 19.54 8.80
C ALA A 417 -10.46 20.63 9.14
N THR A 418 -11.73 20.37 8.87
CA THR A 418 -12.80 21.31 9.20
C THR A 418 -12.88 21.52 10.70
N TYR A 419 -12.65 20.46 11.46
CA TYR A 419 -12.63 20.56 12.91
C TYR A 419 -11.52 21.49 13.36
N CYS A 420 -10.35 21.35 12.75
CA CYS A 420 -9.21 22.19 13.09
C CYS A 420 -9.45 23.66 12.75
N LEU A 421 -10.02 23.90 11.57
CA LEU A 421 -10.36 25.27 11.17
C LEU A 421 -11.36 25.87 12.14
N TRP A 422 -12.31 25.05 12.58
CA TRP A 422 -13.30 25.47 13.56
C TRP A 422 -12.63 25.85 14.87
N GLU A 423 -11.63 25.07 15.25
CA GLU A 423 -10.86 25.37 16.46
C GLU A 423 -10.15 26.71 16.32
N LEU A 424 -9.51 26.93 15.18
CA LEU A 424 -8.83 28.20 14.94
C LEU A 424 -9.81 29.37 14.98
N SER A 425 -11.03 29.15 14.51
CA SER A 425 -12.06 30.17 14.55
C SER A 425 -12.40 30.54 15.99
N LEU A 426 -12.26 29.60 16.90
CA LEU A 426 -12.49 29.85 18.29
C LEU A 426 -11.22 30.31 18.94
N SER A 427 -10.22 30.60 18.15
CA SER A 427 -9.01 31.17 18.66
C SER A 427 -8.46 30.23 19.69
N LYS A 428 -8.65 28.96 19.43
CA LYS A 428 -8.05 27.89 20.18
C LYS A 428 -6.62 27.86 19.79
N LYS A 429 -5.85 27.21 20.61
CA LYS A 429 -4.40 27.13 20.50
C LYS A 429 -3.96 26.31 19.34
N LYS A 430 -3.06 26.82 18.54
CA LYS A 430 -2.70 26.15 17.33
C LYS A 430 -1.65 25.13 17.64
N THR A 431 -2.02 23.87 17.48
CA THR A 431 -1.13 22.76 17.71
C THR A 431 -0.46 22.42 16.43
N PRO A 432 0.54 21.54 16.47
CA PRO A 432 1.15 21.03 15.24
C PRO A 432 0.18 20.29 14.33
N VAL A 433 -0.76 19.53 14.91
CA VAL A 433 -1.76 18.84 14.12
C VAL A 433 -2.64 19.83 13.35
N ILE A 434 -3.14 20.83 14.08
CA ILE A 434 -3.98 21.85 13.48
C ILE A 434 -3.25 22.56 12.35
N ALA A 435 -1.97 22.86 12.58
CA ALA A 435 -1.14 23.50 11.56
C ALA A 435 -1.02 22.62 10.33
N ARG A 436 -0.75 21.34 10.54
CA ARG A 436 -0.59 20.39 9.45
C ARG A 436 -1.86 20.28 8.62
N TRP A 437 -3.01 20.31 9.28
CA TRP A 437 -4.27 20.20 8.55
C TRP A 437 -4.64 21.49 7.82
N LYS A 438 -4.42 22.64 8.46
CA LYS A 438 -4.68 23.92 7.82
C LYS A 438 -3.82 24.07 6.57
N ARG A 439 -2.57 23.64 6.68
CA ARG A 439 -1.59 23.80 5.61
C ARG A 439 -2.03 23.15 4.29
N VAL A 440 -2.86 22.11 4.38
CA VAL A 440 -3.27 21.38 3.19
C VAL A 440 -4.70 21.68 2.75
N CYS A 441 -5.35 22.63 3.41
CA CYS A 441 -6.70 22.99 2.98
C CYS A 441 -6.91 24.49 2.82
N SER A 442 -7.10 24.87 1.56
CA SER A 442 -7.64 26.15 1.12
C SER A 442 -7.72 25.98 -0.38
N GLU A 443 -8.18 27.01 -1.11
CA GLU A 443 -8.38 26.87 -2.55
C GLU A 443 -7.13 26.43 -3.33
N ASP A 444 -5.99 26.38 -2.65
CA ASP A 444 -4.77 25.84 -3.23
C ASP A 444 -4.41 24.48 -2.59
N GLY A 445 -5.09 24.15 -1.50
CA GLY A 445 -4.79 22.95 -0.74
C GLY A 445 -5.06 21.64 -1.44
N LEU A 446 -4.17 20.67 -1.23
CA LEU A 446 -4.33 19.34 -1.82
C LEU A 446 -5.60 18.64 -1.37
N LEU A 447 -5.91 18.77 -0.09
CA LEU A 447 -7.14 18.20 0.46
C LEU A 447 -8.36 18.85 -0.17
N THR A 448 -8.34 20.17 -0.25
CA THR A 448 -9.41 20.93 -0.87
C THR A 448 -9.61 20.50 -2.31
N LYS A 449 -8.51 20.33 -3.04
CA LYS A 449 -8.57 19.91 -4.44
C LYS A 449 -9.21 18.52 -4.56
N ALA A 450 -8.76 17.60 -3.72
CA ALA A 450 -9.28 16.23 -3.74
C ALA A 450 -10.79 16.21 -3.48
N VAL A 451 -11.20 16.86 -2.39
CA VAL A 451 -12.62 16.93 -2.03
C VAL A 451 -13.43 17.59 -3.14
N LYS A 452 -12.88 18.66 -3.72
CA LYS A 452 -13.54 19.36 -4.80
C LYS A 452 -13.78 18.44 -6.00
N LYS A 453 -12.76 17.68 -6.38
CA LYS A 453 -12.90 16.75 -7.48
C LYS A 453 -13.96 15.70 -7.18
N ARG A 454 -13.93 15.15 -5.97
CA ARG A 454 -14.91 14.14 -5.60
C ARG A 454 -16.34 14.66 -5.67
N VAL A 455 -16.55 15.86 -5.14
CA VAL A 455 -17.87 16.48 -5.15
C VAL A 455 -18.35 16.76 -6.57
N GLN A 456 -17.43 17.24 -7.41
CA GLN A 456 -17.76 17.47 -8.82
C GLN A 456 -18.22 16.17 -9.47
N MET A 457 -17.44 15.11 -9.26
CA MET A 457 -17.80 13.77 -9.72
C MET A 457 -19.21 13.40 -9.28
N GLU A 458 -19.49 13.60 -8.00
CA GLU A 458 -20.82 13.33 -7.46
C GLU A 458 -21.91 14.08 -8.21
N GLU A 459 -21.69 15.37 -8.42
CA GLU A 459 -22.74 16.18 -9.05
C GLU A 459 -22.98 15.75 -10.48
N GLU A 460 -21.92 15.41 -11.23
CA GLU A 460 -22.12 14.96 -12.60
C GLU A 460 -22.85 13.62 -12.63
N ARG A 461 -22.44 12.71 -11.76
CA ARG A 461 -23.08 11.40 -11.65
C ARG A 461 -24.56 11.51 -11.31
N LEU A 462 -24.90 12.42 -10.40
CA LEU A 462 -26.30 12.66 -10.05
C LEU A 462 -27.05 13.31 -11.20
N ASN A 463 -26.39 14.24 -11.88
CA ASN A 463 -26.97 14.94 -13.02
C ASN A 463 -27.35 13.97 -14.13
N HIS A 464 -26.71 12.82 -14.15
CA HIS A 464 -26.85 11.89 -15.24
C HIS A 464 -27.89 10.87 -14.92
N LEU A 465 -28.68 11.13 -13.90
CA LEU A 465 -29.69 10.19 -13.49
C LEU A 465 -30.99 10.73 -13.99
N GLN A 466 -31.81 9.87 -14.59
CA GLN A 466 -33.01 10.35 -15.28
C GLN A 466 -34.28 10.60 -14.46
N ASP A 467 -34.21 11.66 -13.70
CA ASP A 467 -35.37 12.39 -13.30
C ASP A 467 -36.13 11.59 -12.30
N GLY A 468 -36.48 10.39 -12.66
CA GLY A 468 -37.42 9.64 -11.88
C GLY A 468 -37.05 9.38 -10.44
N PHE A 469 -35.76 9.16 -10.19
CA PHE A 469 -35.27 8.57 -8.96
C PHE A 469 -35.60 9.35 -7.74
N SER A 470 -35.94 8.62 -6.70
CA SER A 470 -36.22 9.12 -5.37
C SER A 470 -34.94 9.21 -4.55
N LEU A 471 -34.98 10.00 -3.49
CA LEU A 471 -33.83 10.09 -2.59
C LEU A 471 -34.20 9.62 -1.18
N ARG A 472 -33.34 8.78 -0.61
CA ARG A 472 -33.45 8.44 0.80
C ARG A 472 -32.11 8.71 1.43
N LYS A 473 -32.09 9.39 2.57
CA LYS A 473 -30.81 9.76 3.15
C LYS A 473 -30.26 8.55 3.90
N MET A 474 -29.10 8.12 3.44
CA MET A 474 -28.40 6.96 3.97
C MET A 474 -28.12 7.11 5.46
N GLU A 475 -28.42 6.06 6.22
CA GLU A 475 -28.13 6.11 7.65
C GLU A 475 -26.65 5.79 7.87
N GLY A 476 -26.04 6.48 8.84
CA GLY A 476 -24.60 6.42 9.05
C GLY A 476 -23.96 5.05 9.15
N ASP A 477 -24.69 4.09 9.72
CA ASP A 477 -24.15 2.74 9.90
C ASP A 477 -24.28 1.88 8.65
N PHE A 478 -24.29 2.52 7.48
CA PHE A 478 -24.51 1.82 6.22
C PHE A 478 -23.28 1.07 5.72
N ASP A 479 -22.10 1.53 6.10
CA ASP A 479 -20.87 0.87 5.69
C ASP A 479 -20.20 0.19 6.88
N ASN A 480 -20.60 0.56 8.07
CA ASN A 480 -20.10 -0.10 9.22
C ASN A 480 -20.59 -1.51 9.13
N LYS A 481 -19.81 -2.45 9.63
CA LYS A 481 -20.16 -3.85 9.57
C LYS A 481 -19.96 -4.46 8.21
N ARG A 482 -20.59 -3.89 7.19
CA ARG A 482 -20.66 -4.52 5.90
C ARG A 482 -20.08 -3.64 4.86
N GLU A 483 -19.22 -4.16 4.00
CA GLU A 483 -18.76 -3.36 2.88
C GLU A 483 -19.89 -3.47 1.89
N ARG A 484 -20.28 -2.35 1.31
CA ARG A 484 -21.35 -2.30 0.33
C ARG A 484 -20.71 -1.94 -0.96
N GLU A 485 -20.93 -2.72 -1.99
CA GLU A 485 -20.30 -2.46 -3.27
C GLU A 485 -21.21 -2.59 -4.43
N CYS A 486 -21.00 -1.79 -5.42
CA CYS A 486 -21.73 -1.92 -6.66
C CYS A 486 -21.65 -3.36 -7.14
N PHE A 487 -22.83 -3.93 -7.43
CA PHE A 487 -22.91 -5.32 -7.86
C PHE A 487 -22.11 -5.57 -9.13
N LEU A 488 -21.87 -4.51 -9.90
CA LEU A 488 -21.16 -4.63 -11.17
C LEU A 488 -19.72 -4.09 -11.09
N CYS A 489 -19.57 -2.91 -10.49
CA CYS A 489 -18.26 -2.28 -10.35
C CYS A 489 -17.43 -2.85 -9.21
N PHE A 490 -18.12 -3.15 -8.11
CA PHE A 490 -17.51 -3.36 -6.79
C PHE A 490 -16.93 -2.04 -6.30
N TYR A 491 -17.45 -0.96 -6.86
CA TYR A 491 -17.15 0.39 -6.39
C TYR A 491 -17.70 0.55 -4.99
N ASP A 492 -16.86 1.01 -4.06
CA ASP A 492 -17.30 1.21 -2.69
C ASP A 492 -18.36 2.30 -2.63
N LEU A 493 -19.45 2.02 -1.90
CA LEU A 493 -20.63 2.88 -1.93
C LEU A 493 -20.83 3.66 -0.64
N HIS A 494 -19.73 3.94 0.06
CA HIS A 494 -19.79 4.62 1.35
C HIS A 494 -20.49 5.98 1.26
N MET A 495 -20.42 6.59 0.08
CA MET A 495 -20.96 7.93 -0.11
C MET A 495 -22.32 7.94 -0.81
N SER A 496 -22.45 7.11 -1.84
CA SER A 496 -23.70 7.05 -2.60
C SER A 496 -24.05 5.61 -2.97
N ALA A 497 -25.34 5.32 -3.03
CA ALA A 497 -25.78 4.02 -3.52
C ALA A 497 -27.09 4.16 -4.28
N SER A 498 -27.30 3.32 -5.29
CA SER A 498 -28.57 3.31 -6.00
C SER A 498 -29.24 1.96 -5.85
N SER A 499 -30.57 1.97 -5.81
CA SER A 499 -31.31 0.71 -5.65
C SER A 499 -32.73 0.80 -6.19
N CYS A 500 -33.43 -0.32 -6.09
CA CYS A 500 -34.81 -0.40 -6.55
C CYS A 500 -35.61 -1.26 -5.59
N LYS A 501 -36.91 -1.38 -5.85
CA LYS A 501 -37.75 -2.22 -4.99
C LYS A 501 -37.53 -3.69 -5.33
N CYS A 502 -36.82 -3.95 -6.43
CA CYS A 502 -36.49 -5.31 -6.82
C CYS A 502 -35.44 -5.92 -5.91
N SER A 503 -34.51 -5.08 -5.48
CA SER A 503 -33.30 -5.57 -4.84
C SER A 503 -32.94 -4.84 -3.56
N PRO A 504 -33.59 -5.21 -2.45
CA PRO A 504 -33.11 -4.74 -1.14
C PRO A 504 -31.80 -5.46 -0.81
N ASN A 505 -30.85 -4.74 -0.22
CA ASN A 505 -29.51 -5.27 0.04
C ASN A 505 -28.82 -5.73 -1.25
N ARG A 506 -28.97 -4.92 -2.30
CA ARG A 506 -28.28 -5.12 -3.57
C ARG A 506 -28.23 -3.77 -4.29
N PHE A 507 -27.03 -3.25 -4.48
CA PHE A 507 -26.88 -1.86 -4.92
C PHE A 507 -25.96 -1.68 -6.11
N ALA A 508 -26.01 -0.50 -6.70
CA ALA A 508 -25.11 -0.12 -7.77
C ALA A 508 -24.51 1.26 -7.50
N CYS A 509 -23.44 1.61 -8.21
CA CYS A 509 -22.89 2.96 -8.11
C CYS A 509 -23.73 3.89 -8.97
N LEU A 510 -23.50 5.19 -8.82
CA LEU A 510 -24.30 6.19 -9.53
C LEU A 510 -24.08 6.11 -11.04
N ILE A 511 -22.98 5.49 -11.44
CA ILE A 511 -22.65 5.34 -12.85
C ILE A 511 -23.37 4.14 -13.44
N HIS A 512 -23.68 3.16 -12.58
CA HIS A 512 -24.30 1.93 -13.05
C HIS A 512 -25.69 1.72 -12.47
N ALA A 513 -26.32 2.80 -12.03
CA ALA A 513 -27.70 2.75 -11.58
C ALA A 513 -28.60 2.31 -12.73
N LYS A 514 -28.25 2.76 -13.93
CA LYS A 514 -28.89 2.33 -15.17
C LYS A 514 -28.95 0.81 -15.27
N ASP A 515 -27.83 0.15 -14.97
CA ASP A 515 -27.67 -1.27 -15.26
C ASP A 515 -28.27 -2.19 -14.22
N LEU A 516 -28.78 -1.63 -13.13
CA LEU A 516 -29.27 -2.45 -12.02
C LEU A 516 -30.50 -3.28 -12.40
N CYS A 517 -31.53 -2.63 -12.93
CA CYS A 517 -32.78 -3.32 -13.23
C CYS A 517 -33.40 -2.88 -14.55
N SER A 518 -34.65 -3.31 -14.76
CA SER A 518 -35.38 -2.98 -15.97
C SER A 518 -36.55 -2.06 -15.63
N CYS A 519 -36.74 -1.87 -14.34
CA CYS A 519 -37.84 -1.13 -13.79
C CYS A 519 -37.81 0.32 -14.05
N GLU A 520 -38.97 0.93 -14.11
CA GLU A 520 -39.08 2.35 -14.30
C GLU A 520 -38.78 3.10 -13.02
N SER A 521 -38.57 4.38 -13.18
CA SER A 521 -38.00 5.23 -12.17
C SER A 521 -38.86 5.36 -10.94
N LYS A 522 -40.11 4.96 -11.05
CA LYS A 522 -41.01 5.09 -9.93
C LYS A 522 -40.44 4.27 -8.82
N ASP A 523 -39.84 3.16 -9.18
CA ASP A 523 -39.34 2.23 -8.22
C ASP A 523 -37.92 2.44 -7.82
N ARG A 524 -37.24 3.36 -8.50
CA ARG A 524 -35.81 3.61 -8.33
C ARG A 524 -35.52 4.67 -7.27
N TYR A 525 -34.63 4.35 -6.35
CA TYR A 525 -34.22 5.32 -5.34
C TYR A 525 -32.71 5.33 -5.15
N ILE A 526 -32.24 6.30 -4.37
CA ILE A 526 -30.82 6.48 -4.13
C ILE A 526 -30.54 6.85 -2.68
N LEU A 527 -29.72 6.03 -2.03
CA LEU A 527 -29.19 6.32 -0.70
C LEU A 527 -28.10 7.36 -0.81
N ILE A 528 -28.32 8.48 -0.12
CA ILE A 528 -27.37 9.58 -0.10
C ILE A 528 -26.92 9.85 1.33
N ARG A 529 -25.62 9.88 1.55
CA ARG A 529 -25.07 10.15 2.89
C ARG A 529 -25.06 11.65 3.16
N HIS A 530 -24.78 12.43 2.12
CA HIS A 530 -24.77 13.88 2.24
C HIS A 530 -25.37 14.53 1.00
N THR A 531 -26.24 15.51 1.20
CA THR A 531 -26.82 16.23 0.08
C THR A 531 -25.73 17.02 -0.65
N LEU A 532 -25.97 17.30 -1.92
CA LEU A 532 -25.00 18.00 -2.77
C LEU A 532 -24.64 19.36 -2.17
N ASP A 533 -25.65 20.03 -1.63
CA ASP A 533 -25.46 21.32 -0.98
C ASP A 533 -24.49 21.20 0.19
N GLU A 534 -24.63 20.12 0.96
CA GLU A 534 -23.77 19.89 2.10
C GLU A 534 -22.32 19.63 1.67
N LEU A 535 -22.16 18.88 0.58
CA LEU A 535 -20.83 18.58 0.06
C LEU A 535 -20.12 19.85 -0.41
N TRP A 536 -20.85 20.66 -1.19
CA TRP A 536 -20.28 21.93 -1.64
C TRP A 536 -19.99 22.83 -0.45
N ALA A 537 -20.83 22.73 0.57
CA ALA A 537 -20.58 23.43 1.83
C ALA A 537 -19.26 22.97 2.44
N LEU A 538 -18.95 21.69 2.31
CA LEU A 538 -17.68 21.17 2.83
C LEU A 538 -16.51 21.79 2.08
N VAL A 539 -16.62 21.80 0.75
CA VAL A 539 -15.58 22.44 -0.07
C VAL A 539 -15.38 23.90 0.32
N ARG A 540 -16.47 24.62 0.54
CA ARG A 540 -16.38 26.02 0.96
C ARG A 540 -15.76 26.14 2.36
N ALA A 541 -16.05 25.18 3.21
CA ALA A 541 -15.54 25.19 4.59
C ALA A 541 -14.03 25.06 4.59
N LEU A 542 -13.51 24.20 3.72
CA LEU A 542 -12.06 24.06 3.60
C LEU A 542 -11.42 25.35 3.10
N GLU A 543 -12.20 26.18 2.42
CA GLU A 543 -11.70 27.40 1.83
C GLU A 543 -11.94 28.61 2.75
N GLY A 544 -12.49 28.36 3.92
CA GLY A 544 -12.62 29.41 4.92
C GLY A 544 -14.03 29.91 5.21
N ASP A 545 -15.03 29.31 4.57
CA ASP A 545 -16.43 29.67 4.82
C ASP A 545 -16.79 29.31 6.26
N LEU A 546 -16.85 30.31 7.12
CA LEU A 546 -17.06 30.09 8.55
C LEU A 546 -18.39 29.39 8.86
N ASP A 547 -19.44 29.76 8.15
CA ASP A 547 -20.74 29.12 8.34
C ASP A 547 -20.65 27.64 7.97
N ALA A 548 -19.99 27.36 6.85
CA ALA A 548 -19.79 25.99 6.40
C ALA A 548 -18.91 25.21 7.35
N ILE A 549 -17.90 25.88 7.91
CA ILE A 549 -17.02 25.28 8.90
C ILE A 549 -17.82 24.89 10.14
N ASP A 550 -18.68 25.79 10.59
CA ASP A 550 -19.58 25.51 11.71
C ASP A 550 -20.45 24.32 11.38
N LEU A 551 -20.93 24.27 10.15
CA LEU A 551 -21.80 23.19 9.68
C LEU A 551 -21.13 21.83 9.79
N TRP A 552 -19.95 21.70 9.20
CA TRP A 552 -19.30 20.39 9.13
C TRP A 552 -18.54 20.02 10.40
N ALA A 553 -18.29 20.99 11.26
CA ALA A 553 -17.67 20.70 12.55
C ALA A 553 -18.66 19.97 13.45
N SER A 554 -19.93 19.96 13.05
CA SER A 554 -20.99 19.32 13.82
C SER A 554 -21.15 17.85 13.46
N LYS A 555 -20.45 17.41 12.42
CA LYS A 555 -20.59 16.04 11.95
C LYS A 555 -19.31 15.24 12.19
N ALA B 1 -10.30 -11.26 4.89
CA ALA B 1 -11.45 -10.48 5.27
C ALA B 1 -11.40 -9.17 4.53
N ARG B 2 -10.75 -8.19 5.14
CA ARG B 2 -10.31 -6.99 4.48
C ARG B 2 -8.84 -7.27 4.39
N THR B 3 -8.26 -7.15 3.22
CA THR B 3 -6.87 -7.52 3.08
C THR B 3 -6.09 -6.91 1.94
N GLN B 5 -3.15 -7.64 -0.99
CA GLN B 5 -2.96 -8.72 -1.94
C GLN B 5 -1.87 -9.75 -1.61
N THR B 6 -2.11 -10.96 -2.07
CA THR B 6 -1.20 -12.07 -1.94
C THR B 6 -1.05 -12.62 -3.33
N ALA B 7 0.15 -13.05 -3.69
CA ALA B 7 0.44 -13.49 -5.03
C ALA B 7 -0.62 -14.45 -5.56
#